data_2K96
#
_entry.id   2K96
#
_entity_poly.entity_id   1
_entity_poly.type   'polyribonucleotide'
_entity_poly.pdbx_seq_one_letter_code
;GGGCUGUUUUUCUCGCUGACUUUCAGCCCCAAACAAAAAAGUCAGCA
;
_entity_poly.pdbx_strand_id   A
#
loop_
_chem_comp.id
_chem_comp.type
_chem_comp.name
_chem_comp.formula
A RNA linking ADENOSINE-5'-MONOPHOSPHATE 'C10 H14 N5 O7 P'
C RNA linking CYTIDINE-5'-MONOPHOSPHATE 'C9 H14 N3 O8 P'
G RNA linking GUANOSINE-5'-MONOPHOSPHATE 'C10 H14 N5 O8 P'
U RNA linking URIDINE-5'-MONOPHOSPHATE 'C9 H13 N2 O9 P'
#